data_4CKM
#
_entry.id   4CKM
#
_cell.length_a   84.250
_cell.length_b   84.250
_cell.length_c   239.940
_cell.angle_alpha   90.00
_cell.angle_beta   90.00
_cell.angle_gamma   90.00
#
_symmetry.space_group_name_H-M   'P 43 21 2'
#
loop_
_entity.id
_entity.type
_entity.pdbx_description
1 polymer SAS-6
2 non-polymer 'MAGNESIUM ION'
3 non-polymer GLYCEROL
4 water water
#
_entity_poly.entity_id   1
_entity_poly.type   'polypeptide(L)'
_entity_poly.pdbx_seq_one_letter_code
;GPHMEAVESGVAPPPAVRTARTDLPALASPKHSAEEPQTLLETTVMVSTKMPPHEPQVRPLGVYVRTGRGGPNGVTRVVL
VRLTDPTDPFFLFELELLEDDYNAFKQHLELLVDFHGFPRYLVGMLRDIADGASAYELSFVLNSAAVGDSNRGTLRVLET
TDFKTVEHISLVLLRQGDAG
;
_entity_poly.pdbx_strand_id   A,B,C
#
# COMPACT_ATOMS: atom_id res chain seq x y z
N GLU A 36 40.79 21.67 -7.51
CA GLU A 36 40.03 20.62 -8.25
C GLU A 36 38.81 20.04 -7.47
N PRO A 37 37.93 20.92 -6.92
CA PRO A 37 36.79 20.38 -6.17
C PRO A 37 35.63 19.99 -7.09
N GLN A 38 35.69 18.79 -7.67
CA GLN A 38 34.85 18.47 -8.81
C GLN A 38 33.56 17.65 -8.58
N THR A 39 32.49 18.11 -9.22
CA THR A 39 31.22 17.41 -9.22
C THR A 39 31.28 16.25 -10.20
N LEU A 40 31.08 15.03 -9.69
CA LEU A 40 31.17 13.84 -10.52
C LEU A 40 29.79 13.39 -10.99
N LEU A 41 28.73 13.87 -10.36
CA LEU A 41 27.38 13.45 -10.68
C LEU A 41 26.41 14.36 -10.06
N GLU A 42 25.46 14.79 -10.89
CA GLU A 42 24.34 15.58 -10.47
C GLU A 42 23.18 15.12 -11.36
N THR A 43 22.23 14.40 -10.80
CA THR A 43 21.22 13.76 -11.62
C THR A 43 20.00 13.44 -10.79
N THR A 44 19.03 12.78 -11.42
CA THR A 44 17.80 12.40 -10.75
C THR A 44 17.64 10.90 -10.84
N VAL A 45 17.16 10.31 -9.77
CA VAL A 45 17.01 8.85 -9.73
C VAL A 45 15.75 8.53 -8.99
N MET A 46 15.14 7.42 -9.35
CA MET A 46 13.98 6.92 -8.61
C MET A 46 14.47 6.22 -7.35
N VAL A 47 13.83 6.52 -6.23
CA VAL A 47 14.16 5.91 -4.96
C VAL A 47 12.91 5.48 -4.25
N SER A 48 12.91 4.26 -3.73
CA SER A 48 11.89 3.87 -2.75
C SER A 48 12.25 4.46 -1.39
N THR A 49 11.44 5.41 -0.93
CA THR A 49 11.63 6.07 0.36
C THR A 49 10.59 5.63 1.37
N LYS A 50 11.02 5.48 2.62
CA LYS A 50 10.08 5.23 3.69
C LYS A 50 10.63 5.64 5.05
N MET A 51 9.74 6.13 5.91
CA MET A 51 10.03 6.22 7.34
C MET A 51 9.21 5.16 8.05
N PRO A 52 9.86 4.08 8.49
CA PRO A 52 9.06 3.08 9.18
C PRO A 52 8.36 3.69 10.39
N PRO A 53 7.16 3.19 10.71
CA PRO A 53 6.52 2.02 10.11
C PRO A 53 5.71 2.31 8.82
N HIS A 54 5.72 3.54 8.32
CA HIS A 54 4.98 3.85 7.08
C HIS A 54 5.42 3.03 5.86
N GLU A 55 4.51 2.82 4.92
CA GLU A 55 4.84 2.04 3.74
C GLU A 55 5.56 2.96 2.75
N PRO A 56 6.32 2.39 1.81
CA PRO A 56 7.18 3.22 0.98
C PRO A 56 6.47 3.85 -0.20
N GLN A 57 7.07 4.90 -0.74
CA GLN A 57 6.72 5.40 -2.07
C GLN A 57 7.98 5.47 -2.92
N VAL A 58 7.81 5.34 -4.23
CA VAL A 58 8.91 5.47 -5.17
C VAL A 58 8.79 6.83 -5.82
N ARG A 59 9.86 7.61 -5.76
CA ARG A 59 9.83 8.98 -6.18
C ARG A 59 11.18 9.46 -6.69
N PRO A 60 11.19 10.49 -7.54
CA PRO A 60 12.46 10.94 -8.09
C PRO A 60 13.22 11.80 -7.10
N LEU A 61 14.49 11.49 -6.88
CA LEU A 61 15.33 12.29 -5.98
C LEU A 61 16.54 12.79 -6.72
N GLY A 62 17.00 13.97 -6.33
CA GLY A 62 18.28 14.47 -6.82
C GLY A 62 19.41 13.76 -6.10
N VAL A 63 20.42 13.34 -6.84
CA VAL A 63 21.57 12.79 -6.23
C VAL A 63 22.79 13.52 -6.74
N TYR A 64 23.73 13.76 -5.83
CA TYR A 64 24.86 14.64 -6.09
C TYR A 64 26.11 14.09 -5.41
N VAL A 65 27.15 13.88 -6.18
CA VAL A 65 28.40 13.36 -5.65
C VAL A 65 29.50 14.35 -6.04
N ARG A 66 30.24 14.82 -5.04
CA ARG A 66 31.35 15.76 -5.24
C ARG A 66 32.57 15.37 -4.42
N THR A 67 33.76 15.53 -5.01
CA THR A 67 35.02 15.39 -4.30
C THR A 67 35.59 16.76 -4.03
N GLY A 68 36.20 16.94 -2.87
CA GLY A 68 36.88 18.19 -2.53
C GLY A 68 37.83 18.04 -1.36
N ARG A 69 37.90 19.10 -0.55
CA ARG A 69 38.80 19.20 0.60
C ARG A 69 38.02 19.65 1.79
N GLY A 70 38.45 19.21 2.96
CA GLY A 70 37.80 19.61 4.19
C GLY A 70 38.67 19.12 5.31
N GLY A 71 38.01 18.72 6.39
CA GLY A 71 38.71 18.25 7.56
C GLY A 71 39.32 19.40 8.37
N PRO A 72 39.92 19.07 9.51
CA PRO A 72 40.45 19.97 10.53
C PRO A 72 41.26 21.17 9.99
N ASN A 73 42.20 20.90 9.09
CA ASN A 73 43.04 21.96 8.56
C ASN A 73 42.75 22.31 7.14
N GLY A 74 41.57 21.91 6.67
CA GLY A 74 41.16 22.21 5.30
C GLY A 74 41.87 21.38 4.24
N VAL A 75 42.66 20.38 4.62
CA VAL A 75 43.45 19.63 3.60
C VAL A 75 43.01 18.17 3.40
N THR A 76 42.12 17.63 4.21
CA THR A 76 41.67 16.26 4.01
C THR A 76 40.81 16.14 2.75
N ARG A 77 41.13 15.19 1.89
CA ARG A 77 40.23 14.86 0.77
C ARG A 77 38.89 14.35 1.30
N VAL A 78 37.81 14.82 0.71
CA VAL A 78 36.47 14.36 1.07
C VAL A 78 35.66 13.92 -0.15
N VAL A 79 34.69 13.06 0.13
CA VAL A 79 33.68 12.68 -0.83
C VAL A 79 32.35 13.06 -0.25
N LEU A 80 31.58 13.84 -0.99
CA LEU A 80 30.26 14.26 -0.56
C LEU A 80 29.22 13.55 -1.46
N VAL A 81 28.23 12.94 -0.80
CA VAL A 81 27.08 12.31 -1.45
C VAL A 81 25.85 12.96 -0.83
N ARG A 82 25.09 13.64 -1.68
CA ARG A 82 23.90 14.35 -1.27
C ARG A 82 22.65 13.84 -1.99
N LEU A 83 21.57 13.76 -1.23
CA LEU A 83 20.29 13.34 -1.73
C LEU A 83 19.30 14.46 -1.47
N THR A 84 18.59 14.91 -2.49
CA THR A 84 17.57 15.94 -2.31
C THR A 84 16.23 15.59 -2.93
N ASP A 85 15.20 16.30 -2.50
CA ASP A 85 13.90 16.26 -3.16
C ASP A 85 13.57 17.62 -3.82
N PRO A 86 13.49 17.66 -5.17
CA PRO A 86 13.20 18.93 -5.86
C PRO A 86 11.94 19.63 -5.34
N THR A 87 10.90 18.84 -5.08
CA THR A 87 9.64 19.36 -4.58
C THR A 87 9.63 19.60 -3.06
N ASP A 88 10.78 19.49 -2.38
CA ASP A 88 10.82 19.69 -0.92
C ASP A 88 12.23 20.06 -0.43
N PRO A 89 12.42 21.34 -0.03
CA PRO A 89 13.65 21.86 0.57
C PRO A 89 14.09 21.24 1.89
N PHE A 90 13.18 20.85 2.78
CA PHE A 90 13.58 20.26 4.08
C PHE A 90 14.31 18.91 3.89
N PHE A 91 14.07 18.28 2.73
CA PHE A 91 14.64 16.98 2.40
C PHE A 91 16.00 17.17 1.77
N LEU A 92 17.02 17.04 2.62
CA LEU A 92 18.41 17.23 2.21
C LEU A 92 19.24 16.38 3.13
N PHE A 93 19.84 15.31 2.61
CA PHE A 93 20.65 14.42 3.42
C PHE A 93 22.03 14.25 2.78
N GLU A 94 23.07 14.18 3.61
CA GLU A 94 24.45 14.12 3.14
C GLU A 94 25.30 13.14 3.92
N LEU A 95 26.17 12.46 3.18
CA LEU A 95 27.28 11.75 3.74
C LEU A 95 28.50 12.49 3.29
N GLU A 96 29.38 12.77 4.24
CA GLU A 96 30.64 13.38 3.91
C GLU A 96 31.71 12.44 4.40
N LEU A 97 32.47 11.89 3.46
CA LEU A 97 33.43 10.87 3.81
C LEU A 97 34.86 11.40 3.71
N LEU A 98 35.55 11.44 4.84
CA LEU A 98 36.95 11.92 4.89
C LEU A 98 37.92 10.76 4.60
N GLU A 99 38.95 11.02 3.82
CA GLU A 99 40.01 10.04 3.59
C GLU A 99 40.59 9.46 4.89
N ASP A 100 40.69 10.28 5.94
CA ASP A 100 41.07 9.85 7.28
C ASP A 100 40.32 8.66 7.81
N ASP A 101 39.03 8.61 7.54
CA ASP A 101 38.22 7.51 8.02
C ASP A 101 38.04 6.39 6.99
N TYR A 102 38.71 6.47 5.85
CA TYR A 102 38.36 5.56 4.77
C TYR A 102 38.71 4.12 5.10
N ASN A 103 39.87 3.92 5.69
CA ASN A 103 40.32 2.56 6.00
C ASN A 103 39.36 1.79 6.85
N ALA A 104 38.85 2.43 7.88
CA ALA A 104 37.81 1.79 8.69
C ALA A 104 36.55 1.50 7.88
N PHE A 105 36.21 2.43 7.00
CA PHE A 105 34.95 2.40 6.25
C PHE A 105 35.08 1.27 5.23
N LYS A 106 36.24 1.24 4.58
CA LYS A 106 36.62 0.24 3.61
C LYS A 106 36.54 -1.15 4.19
N GLN A 107 37.16 -1.33 5.36
CA GLN A 107 37.17 -2.64 6.01
CA GLN A 107 37.17 -2.63 6.02
C GLN A 107 35.77 -3.08 6.41
N HIS A 108 35.00 -2.18 7.00
CA HIS A 108 33.65 -2.49 7.44
C HIS A 108 32.71 -2.84 6.29
N LEU A 109 32.83 -2.20 5.13
CA LEU A 109 32.01 -2.57 3.97
C LEU A 109 32.64 -3.61 3.03
N GLU A 110 33.88 -4.02 3.34
CA GLU A 110 34.64 -4.94 2.48
C GLU A 110 34.81 -4.40 1.08
N LEU A 111 35.14 -3.13 0.99
CA LEU A 111 35.43 -2.53 -0.30
C LEU A 111 36.82 -2.93 -0.79
N LEU A 112 36.95 -3.08 -2.10
CA LEU A 112 38.23 -3.41 -2.72
C LEU A 112 38.89 -2.18 -3.31
N VAL A 113 38.13 -1.15 -3.59
CA VAL A 113 38.67 0.06 -4.18
C VAL A 113 39.25 1.01 -3.14
N ASP A 114 40.15 1.87 -3.58
CA ASP A 114 40.77 2.86 -2.70
C ASP A 114 39.94 4.14 -2.70
N PHE A 115 40.41 5.16 -2.00
CA PHE A 115 39.61 6.34 -1.79
C PHE A 115 39.30 7.10 -3.07
N HIS A 116 40.24 7.12 -4.00
CA HIS A 116 40.00 7.71 -5.32
C HIS A 116 38.95 6.92 -6.11
N GLY A 117 39.05 5.59 -6.05
CA GLY A 117 38.17 4.71 -6.77
C GLY A 117 36.76 4.73 -6.22
N PHE A 118 36.61 4.95 -4.91
CA PHE A 118 35.32 4.78 -4.27
C PHE A 118 34.18 5.62 -4.87
N PRO A 119 34.37 6.94 -5.00
CA PRO A 119 33.31 7.75 -5.59
C PRO A 119 33.06 7.44 -7.06
N ARG A 120 34.08 7.05 -7.79
CA ARG A 120 33.88 6.64 -9.19
C ARG A 120 32.97 5.41 -9.32
N TYR A 121 33.20 4.43 -8.45
CA TYR A 121 32.43 3.21 -8.42
C TYR A 121 30.99 3.54 -8.09
N LEU A 122 30.81 4.40 -7.11
CA LEU A 122 29.49 4.75 -6.66
C LEU A 122 28.75 5.45 -7.78
N VAL A 123 29.44 6.38 -8.42
CA VAL A 123 28.86 7.14 -9.52
C VAL A 123 28.46 6.23 -10.72
N GLY A 124 29.28 5.24 -11.04
CA GLY A 124 28.96 4.32 -12.11
C GLY A 124 27.61 3.66 -11.86
N MET A 125 27.42 3.16 -10.64
CA MET A 125 26.17 2.56 -10.25
C MET A 125 25.03 3.54 -10.30
N LEU A 126 25.22 4.72 -9.74
CA LEU A 126 24.10 5.64 -9.64
C LEU A 126 23.71 6.13 -11.01
N ARG A 127 24.70 6.40 -11.87
CA ARG A 127 24.44 6.88 -13.21
C ARG A 127 23.71 5.83 -14.04
N ASP A 128 24.04 4.56 -13.88
CA ASP A 128 23.33 3.52 -14.59
C ASP A 128 21.87 3.39 -14.15
N ILE A 129 21.63 3.59 -12.87
CA ILE A 129 20.27 3.58 -12.37
C ILE A 129 19.49 4.78 -12.92
N ALA A 130 20.10 5.95 -12.92
CA ALA A 130 19.50 7.14 -13.50
C ALA A 130 19.16 6.93 -14.96
N ASP A 131 20.04 6.30 -15.71
CA ASP A 131 19.83 6.11 -17.15
C ASP A 131 18.75 5.10 -17.53
N GLY A 132 18.15 4.43 -16.54
CA GLY A 132 17.24 3.34 -16.83
C GLY A 132 17.99 2.08 -17.24
N ALA A 133 19.33 2.13 -17.23
CA ALA A 133 20.18 1.08 -17.79
C ALA A 133 20.88 0.17 -16.77
N SER A 134 20.22 -0.12 -15.64
CA SER A 134 20.81 -0.94 -14.57
C SER A 134 19.86 -1.97 -14.00
N ALA A 135 20.44 -3.08 -13.59
CA ALA A 135 19.73 -4.10 -12.84
C ALA A 135 19.54 -3.78 -11.33
N TYR A 136 19.92 -2.58 -10.90
CA TYR A 136 19.96 -2.24 -9.51
C TYR A 136 18.89 -1.24 -9.20
N GLU A 137 18.51 -1.19 -7.92
CA GLU A 137 17.50 -0.24 -7.42
C GLU A 137 18.05 0.52 -6.23
N LEU A 138 17.38 1.61 -5.88
CA LEU A 138 17.73 2.40 -4.70
C LEU A 138 16.58 2.46 -3.69
N SER A 139 16.96 2.38 -2.43
CA SER A 139 16.05 2.49 -1.30
C SER A 139 16.65 3.50 -0.34
N PHE A 140 15.80 4.31 0.28
CA PHE A 140 16.26 5.23 1.31
C PHE A 140 15.32 5.16 2.51
N VAL A 141 15.83 4.61 3.61
CA VAL A 141 15.03 4.40 4.80
C VAL A 141 15.41 5.38 5.89
N LEU A 142 14.47 6.21 6.28
CA LEU A 142 14.67 7.18 7.33
C LEU A 142 14.50 6.52 8.71
N ASN A 143 15.16 7.08 9.73
CA ASN A 143 14.94 6.63 11.10
C ASN A 143 13.69 7.28 11.73
N SER A 144 13.35 6.93 12.97
CA SER A 144 12.26 7.59 13.76
C SER A 144 10.97 6.77 13.76
N GLY A 148 10.52 13.72 8.56
CA GLY A 148 10.00 14.85 9.33
C GLY A 148 10.97 15.21 10.43
N ASP A 149 10.89 14.48 11.54
CA ASP A 149 11.87 14.62 12.64
C ASP A 149 12.96 13.56 12.50
N SER A 150 13.30 13.20 11.26
CA SER A 150 14.34 12.21 11.02
C SER A 150 15.64 12.95 10.85
N ASN A 151 16.68 12.53 11.57
CA ASN A 151 17.99 13.16 11.39
C ASN A 151 18.91 12.40 10.42
N ARG A 152 18.48 11.24 9.96
CA ARG A 152 19.32 10.43 9.09
C ARG A 152 18.51 9.45 8.27
N GLY A 153 19.10 8.97 7.18
CA GLY A 153 18.57 7.81 6.49
C GLY A 153 19.64 6.95 5.93
N THR A 154 19.26 5.72 5.59
CA THR A 154 20.17 4.78 4.99
C THR A 154 19.79 4.56 3.53
N LEU A 155 20.72 4.93 2.66
CA LEU A 155 20.62 4.69 1.23
C LEU A 155 21.19 3.33 0.91
N ARG A 156 20.38 2.47 0.29
CA ARG A 156 20.79 1.14 -0.10
C ARG A 156 20.76 0.96 -1.63
N VAL A 157 21.78 0.31 -2.17
CA VAL A 157 21.81 -0.10 -3.56
C VAL A 157 21.52 -1.57 -3.58
N LEU A 158 20.41 -1.94 -4.23
CA LEU A 158 19.86 -3.28 -4.18
C LEU A 158 19.83 -3.93 -5.56
N GLU A 159 19.99 -5.23 -5.57
CA GLU A 159 19.86 -6.04 -6.77
C GLU A 159 18.92 -7.16 -6.46
N THR A 160 17.89 -7.33 -7.26
CA THR A 160 16.97 -8.43 -7.08
C THR A 160 17.39 -9.58 -7.99
N THR A 161 17.74 -10.72 -7.42
CA THR A 161 18.08 -11.90 -8.19
C THR A 161 16.83 -12.74 -8.28
N ASP A 162 16.96 -13.94 -8.83
CA ASP A 162 15.83 -14.87 -8.89
C ASP A 162 15.47 -15.37 -7.50
N PHE A 163 16.38 -15.21 -6.55
CA PHE A 163 16.19 -15.82 -5.26
C PHE A 163 15.89 -14.82 -4.14
N LYS A 164 16.41 -13.60 -4.27
CA LYS A 164 16.20 -12.58 -3.24
C LYS A 164 16.75 -11.26 -3.69
N THR A 165 16.48 -10.24 -2.88
CA THR A 165 17.12 -8.96 -3.02
C THR A 165 18.44 -8.96 -2.24
N VAL A 166 19.48 -8.52 -2.94
CA VAL A 166 20.84 -8.51 -2.39
C VAL A 166 21.29 -7.07 -2.25
N GLU A 167 21.73 -6.72 -1.05
CA GLU A 167 22.26 -5.41 -0.82
C GLU A 167 23.74 -5.34 -1.25
N HIS A 168 24.06 -4.42 -2.15
CA HIS A 168 25.41 -4.18 -2.59
C HIS A 168 26.12 -3.24 -1.66
N ILE A 169 25.47 -2.15 -1.27
CA ILE A 169 26.08 -1.23 -0.31
C ILE A 169 25.00 -0.44 0.39
N SER A 170 25.30 -0.03 1.62
CA SER A 170 24.47 0.87 2.42
C SER A 170 25.33 2.03 2.86
N LEU A 171 24.75 3.22 2.91
CA LEU A 171 25.43 4.42 3.33
C LEU A 171 24.47 5.19 4.19
N VAL A 172 24.99 5.73 5.29
CA VAL A 172 24.20 6.54 6.18
C VAL A 172 24.40 7.97 5.79
N LEU A 173 23.29 8.66 5.60
CA LEU A 173 23.30 10.07 5.21
C LEU A 173 22.54 10.84 6.26
N LEU A 174 23.09 11.98 6.68
CA LEU A 174 22.53 12.79 7.77
C LEU A 174 21.79 13.97 7.20
N ARG A 175 20.64 14.31 7.77
CA ARG A 175 19.93 15.50 7.35
C ARG A 175 20.66 16.72 7.87
N GLN A 176 20.69 17.80 7.09
CA GLN A 176 20.86 19.14 7.70
C GLN A 176 20.34 20.25 6.80
N GLY A 177 20.36 21.48 7.29
CA GLY A 177 20.05 22.66 6.48
C GLY A 177 18.57 22.82 6.16
N GLU B 36 9.65 14.78 -19.24
CA GLU B 36 8.38 14.63 -18.48
C GLU B 36 8.01 13.18 -18.23
N PRO B 37 7.76 12.39 -19.29
CA PRO B 37 7.30 11.03 -19.00
C PRO B 37 8.34 10.27 -18.18
N GLN B 38 7.89 9.29 -17.41
CA GLN B 38 8.74 8.60 -16.45
C GLN B 38 8.22 7.20 -16.17
N THR B 39 9.09 6.23 -16.38
CA THR B 39 8.85 4.88 -15.95
C THR B 39 9.18 4.77 -14.48
N LEU B 40 8.14 4.54 -13.67
CA LEU B 40 8.34 4.34 -12.24
C LEU B 40 8.63 2.88 -11.94
N LEU B 41 8.30 1.96 -12.84
CA LEU B 41 8.45 0.55 -12.54
C LEU B 41 8.40 -0.25 -13.80
N GLU B 42 9.30 -1.22 -13.91
CA GLU B 42 9.34 -2.12 -15.02
C GLU B 42 10.07 -3.36 -14.52
N THR B 43 9.32 -4.36 -14.11
CA THR B 43 9.93 -5.49 -13.44
C THR B 43 9.06 -6.71 -13.58
N THR B 44 9.54 -7.83 -13.07
CA THR B 44 8.78 -9.06 -13.10
C THR B 44 8.45 -9.38 -11.68
N VAL B 45 7.30 -10.02 -11.45
CA VAL B 45 6.88 -10.35 -10.11
C VAL B 45 5.89 -11.50 -10.13
N MET B 46 6.00 -12.37 -9.12
CA MET B 46 5.13 -13.51 -8.98
C MET B 46 3.74 -13.02 -8.62
N VAL B 47 2.75 -13.57 -9.30
CA VAL B 47 1.39 -13.16 -9.11
C VAL B 47 0.56 -14.40 -9.11
N SER B 48 -0.36 -14.46 -8.17
CA SER B 48 -1.30 -15.56 -8.12
C SER B 48 -2.39 -15.24 -9.09
N THR B 49 -2.43 -15.94 -10.21
CA THR B 49 -3.34 -15.61 -11.29
C THR B 49 -4.39 -16.68 -11.37
N LYS B 50 -5.62 -16.28 -11.65
CA LYS B 50 -6.75 -17.15 -11.56
C LYS B 50 -7.70 -16.90 -12.71
N MET B 51 -8.02 -17.95 -13.44
CA MET B 51 -9.01 -17.89 -14.52
C MET B 51 -10.21 -18.76 -14.12
N PRO B 52 -11.18 -18.20 -13.37
CA PRO B 52 -12.30 -19.00 -12.89
C PRO B 52 -12.99 -19.75 -14.03
N PRO B 53 -13.34 -21.04 -13.81
CA PRO B 53 -13.29 -21.75 -12.52
C PRO B 53 -11.97 -22.48 -12.18
N HIS B 54 -10.94 -22.35 -13.03
CA HIS B 54 -9.65 -23.01 -12.83
C HIS B 54 -8.99 -22.69 -11.48
N GLU B 55 -8.04 -23.54 -11.09
CA GLU B 55 -7.28 -23.35 -9.88
C GLU B 55 -6.31 -22.20 -10.11
N PRO B 56 -6.14 -21.31 -9.11
CA PRO B 56 -5.12 -20.28 -9.29
C PRO B 56 -3.77 -20.90 -9.49
N GLN B 57 -2.88 -20.18 -10.16
CA GLN B 57 -1.50 -20.56 -10.19
C GLN B 57 -0.61 -19.35 -10.21
N VAL B 58 0.47 -19.46 -9.46
CA VAL B 58 1.46 -18.43 -9.34
C VAL B 58 2.32 -18.40 -10.61
N ARG B 59 2.44 -17.22 -11.22
CA ARG B 59 3.21 -17.04 -12.44
C ARG B 59 4.00 -15.76 -12.31
N PRO B 60 5.14 -15.69 -12.99
CA PRO B 60 5.82 -14.41 -13.06
C PRO B 60 5.16 -13.56 -14.14
N LEU B 61 4.86 -12.31 -13.82
CA LEU B 61 4.21 -11.41 -14.75
C LEU B 61 5.01 -10.13 -14.84
N GLY B 62 4.98 -9.47 -16.01
CA GLY B 62 5.59 -8.17 -16.15
C GLY B 62 4.65 -7.11 -15.62
N VAL B 63 5.19 -6.13 -14.92
CA VAL B 63 4.43 -5.04 -14.34
C VAL B 63 5.17 -3.79 -14.75
N TYR B 64 4.45 -2.86 -15.36
CA TYR B 64 5.00 -1.62 -15.89
C TYR B 64 4.09 -0.51 -15.47
N VAL B 65 4.69 0.54 -14.92
CA VAL B 65 3.97 1.71 -14.46
C VAL B 65 4.71 2.95 -14.94
N ARG B 66 3.98 3.80 -15.67
CA ARG B 66 4.53 4.87 -16.47
C ARG B 66 3.65 6.09 -16.33
N THR B 67 4.24 7.25 -16.11
CA THR B 67 3.51 8.50 -16.13
C THR B 67 3.85 9.17 -17.44
N GLY B 68 3.00 10.11 -17.84
CA GLY B 68 3.17 10.71 -19.16
C GLY B 68 1.99 11.54 -19.65
N ARG B 69 1.89 11.66 -20.97
CA ARG B 69 0.89 12.51 -21.61
C ARG B 69 0.00 11.68 -22.50
N GLY B 70 -1.28 11.98 -22.48
CA GLY B 70 -2.24 11.30 -23.33
C GLY B 70 -3.54 12.06 -23.34
N GLY B 71 -4.63 11.33 -23.59
CA GLY B 71 -5.95 11.91 -23.60
C GLY B 71 -6.33 12.35 -25.01
N PRO B 72 -7.55 12.92 -25.15
CA PRO B 72 -8.04 13.38 -26.46
C PRO B 72 -6.98 14.11 -27.28
N ASN B 73 -6.40 15.15 -26.69
CA ASN B 73 -5.41 16.01 -27.38
C ASN B 73 -3.96 15.70 -27.02
N GLY B 74 -3.71 14.56 -26.37
CA GLY B 74 -2.35 14.14 -26.03
C GLY B 74 -1.61 15.12 -25.14
N VAL B 75 -2.34 15.93 -24.39
CA VAL B 75 -1.74 16.83 -23.41
C VAL B 75 -2.35 16.63 -22.04
N THR B 76 -3.10 15.54 -21.85
CA THR B 76 -3.60 15.21 -20.52
C THR B 76 -2.55 14.33 -19.84
N ARG B 77 -2.24 14.64 -18.59
CA ARG B 77 -1.44 13.75 -17.76
C ARG B 77 -2.13 12.39 -17.60
N VAL B 78 -1.37 11.32 -17.85
CA VAL B 78 -1.85 9.96 -17.65
C VAL B 78 -0.90 9.17 -16.76
N VAL B 79 -1.49 8.20 -16.06
CA VAL B 79 -0.78 7.10 -15.43
C VAL B 79 -1.21 5.85 -16.15
N LEU B 80 -0.23 5.06 -16.58
CA LEU B 80 -0.50 3.81 -17.24
C LEU B 80 0.07 2.67 -16.40
N VAL B 81 -0.74 1.62 -16.21
CA VAL B 81 -0.34 0.40 -15.56
C VAL B 81 -0.54 -0.70 -16.57
N ARG B 82 0.51 -1.47 -16.86
CA ARG B 82 0.43 -2.52 -17.86
C ARG B 82 0.94 -3.80 -17.25
N LEU B 83 0.18 -4.87 -17.45
CA LEU B 83 0.46 -6.18 -16.91
C LEU B 83 0.58 -7.19 -18.03
N THR B 84 1.67 -7.94 -18.07
CA THR B 84 1.95 -8.82 -19.18
C THR B 84 2.46 -10.16 -18.74
N ASP B 85 2.50 -11.10 -19.66
CA ASP B 85 3.00 -12.42 -19.39
C ASP B 85 3.92 -12.79 -20.52
N PRO B 86 5.22 -12.88 -20.24
CA PRO B 86 6.18 -13.16 -21.32
C PRO B 86 5.90 -14.47 -22.06
N THR B 87 5.27 -15.44 -21.42
CA THR B 87 4.95 -16.69 -22.10
C THR B 87 3.69 -16.60 -22.96
N ASP B 88 3.03 -15.44 -22.98
CA ASP B 88 1.74 -15.32 -23.68
C ASP B 88 1.51 -13.90 -24.20
N PRO B 89 1.71 -13.70 -25.52
CA PRO B 89 1.59 -12.36 -26.08
C PRO B 89 0.20 -11.76 -25.95
N PHE B 90 -0.84 -12.60 -25.85
CA PHE B 90 -2.21 -12.07 -25.72
C PHE B 90 -2.56 -11.65 -24.30
N PHE B 91 -1.75 -12.07 -23.33
CA PHE B 91 -1.91 -11.65 -21.95
C PHE B 91 -1.37 -10.24 -21.84
N LEU B 92 -2.26 -9.27 -21.99
CA LEU B 92 -1.88 -7.87 -22.08
C LEU B 92 -3.01 -7.01 -21.53
N PHE B 93 -2.80 -6.44 -20.33
CA PHE B 93 -3.88 -5.79 -19.60
C PHE B 93 -3.39 -4.46 -19.13
N GLU B 94 -4.28 -3.47 -19.15
CA GLU B 94 -3.92 -2.10 -18.90
C GLU B 94 -4.95 -1.33 -18.12
N LEU B 95 -4.47 -0.44 -17.28
CA LEU B 95 -5.28 0.59 -16.71
C LEU B 95 -4.62 1.88 -17.12
N GLU B 96 -5.39 2.71 -17.79
CA GLU B 96 -4.96 4.07 -18.12
C GLU B 96 -5.83 5.02 -17.35
N LEU B 97 -5.23 5.93 -16.60
CA LEU B 97 -5.96 6.85 -15.78
C LEU B 97 -5.56 8.26 -16.15
N LEU B 98 -6.57 9.06 -16.53
CA LEU B 98 -6.37 10.46 -16.94
C LEU B 98 -6.58 11.32 -15.74
N GLU B 99 -5.84 12.40 -15.66
CA GLU B 99 -5.93 13.31 -14.53
C GLU B 99 -7.36 13.83 -14.27
N ASP B 100 -8.13 13.98 -15.34
CA ASP B 100 -9.52 14.42 -15.22
C ASP B 100 -10.35 13.43 -14.43
N ASP B 101 -10.04 12.15 -14.60
CA ASP B 101 -10.74 11.07 -13.93
C ASP B 101 -10.36 10.83 -12.48
N TYR B 102 -9.36 11.55 -11.97
CA TYR B 102 -8.75 11.16 -10.72
C TYR B 102 -9.65 11.38 -9.54
N ASN B 103 -10.39 12.48 -9.54
CA ASN B 103 -11.26 12.77 -8.41
CA ASN B 103 -11.28 12.79 -8.42
C ASN B 103 -12.27 11.65 -8.17
N ALA B 104 -12.82 11.11 -9.24
CA ALA B 104 -13.74 10.01 -9.13
C ALA B 104 -13.00 8.76 -8.64
N PHE B 105 -11.83 8.51 -9.22
CA PHE B 105 -10.97 7.38 -8.87
C PHE B 105 -10.66 7.42 -7.38
N LYS B 106 -10.24 8.59 -6.93
CA LYS B 106 -9.85 8.81 -5.54
C LYS B 106 -11.00 8.53 -4.58
N GLN B 107 -12.21 8.92 -4.97
CA GLN B 107 -13.38 8.66 -4.14
C GLN B 107 -13.69 7.20 -4.14
N HIS B 108 -13.68 6.62 -5.32
CA HIS B 108 -14.00 5.22 -5.41
C HIS B 108 -13.02 4.33 -4.64
N LEU B 109 -11.71 4.64 -4.63
CA LEU B 109 -10.75 3.75 -3.96
C LEU B 109 -10.37 4.27 -2.59
N GLU B 110 -10.92 5.41 -2.21
CA GLU B 110 -10.60 6.05 -0.94
C GLU B 110 -9.13 6.36 -0.77
N LEU B 111 -8.54 6.93 -1.82
CA LEU B 111 -7.13 7.29 -1.81
C LEU B 111 -7.04 8.58 -1.05
N LEU B 112 -5.87 8.85 -0.47
CA LEU B 112 -5.64 10.02 0.38
C LEU B 112 -4.45 10.79 -0.11
N VAL B 113 -4.06 10.55 -1.35
CA VAL B 113 -3.02 11.31 -1.99
C VAL B 113 -3.57 11.89 -3.29
N ASP B 114 -2.88 12.88 -3.83
CA ASP B 114 -3.31 13.50 -5.09
C ASP B 114 -2.83 12.69 -6.28
N PHE B 115 -3.16 13.16 -7.47
CA PHE B 115 -2.85 12.46 -8.71
C PHE B 115 -1.37 12.25 -8.91
N HIS B 116 -0.59 13.22 -8.47
CA HIS B 116 0.86 13.22 -8.61
C HIS B 116 1.44 12.14 -7.69
N GLY B 117 0.85 12.02 -6.50
CA GLY B 117 1.29 11.00 -5.55
C GLY B 117 0.82 9.58 -5.78
N PHE B 118 -0.29 9.44 -6.51
CA PHE B 118 -0.91 8.14 -6.60
C PHE B 118 0.04 7.08 -7.18
N PRO B 119 0.63 7.34 -8.34
CA PRO B 119 1.53 6.30 -8.87
C PRO B 119 2.80 6.06 -8.03
N ARG B 120 3.19 7.03 -7.21
CA ARG B 120 4.39 6.89 -6.40
C ARG B 120 4.15 5.93 -5.29
N TYR B 121 2.99 6.04 -4.66
CA TYR B 121 2.60 5.11 -3.61
C TYR B 121 2.24 3.75 -4.17
N LEU B 122 1.59 3.74 -5.34
CA LEU B 122 1.25 2.47 -5.93
C LEU B 122 2.52 1.71 -6.15
N VAL B 123 3.54 2.36 -6.70
CA VAL B 123 4.75 1.64 -7.05
C VAL B 123 5.54 1.26 -5.80
N GLY B 124 5.48 2.11 -4.78
CA GLY B 124 6.07 1.74 -3.50
C GLY B 124 5.60 0.38 -3.02
N MET B 125 4.28 0.20 -3.05
CA MET B 125 3.61 -1.02 -2.63
C MET B 125 3.99 -2.16 -3.53
N LEU B 126 3.92 -1.96 -4.85
CA LEU B 126 4.21 -3.07 -5.78
C LEU B 126 5.68 -3.49 -5.76
N ARG B 127 6.56 -2.50 -5.69
CA ARG B 127 8.00 -2.80 -5.65
C ARG B 127 8.46 -3.52 -4.36
N ASP B 128 7.87 -3.17 -3.22
CA ASP B 128 8.11 -3.95 -2.00
C ASP B 128 7.77 -5.41 -2.18
N ILE B 129 6.68 -5.70 -2.88
CA ILE B 129 6.31 -7.08 -3.11
C ILE B 129 7.35 -7.75 -4.03
N ALA B 130 7.72 -7.06 -5.11
CA ALA B 130 8.71 -7.58 -6.07
C ALA B 130 10.10 -7.78 -5.46
N ASP B 131 10.46 -6.92 -4.50
CA ASP B 131 11.74 -7.02 -3.80
C ASP B 131 11.78 -8.13 -2.73
N GLY B 132 10.63 -8.68 -2.36
CA GLY B 132 10.57 -9.70 -1.33
C GLY B 132 10.46 -9.15 0.09
N ALA B 133 10.33 -7.83 0.21
CA ALA B 133 10.22 -7.16 1.51
C ALA B 133 8.79 -7.01 2.06
N SER B 134 7.77 -7.49 1.37
CA SER B 134 6.39 -7.20 1.78
C SER B 134 5.71 -8.41 2.34
N ALA B 135 4.84 -8.19 3.31
CA ALA B 135 3.93 -9.25 3.73
C ALA B 135 2.76 -9.47 2.77
N TYR B 136 2.53 -8.55 1.83
CA TYR B 136 1.36 -8.63 0.95
C TYR B 136 1.65 -9.51 -0.21
N GLU B 137 0.58 -9.98 -0.83
CA GLU B 137 0.68 -10.73 -2.05
C GLU B 137 -0.12 -10.10 -3.17
N LEU B 138 0.28 -10.45 -4.40
CA LEU B 138 -0.38 -9.98 -5.59
C LEU B 138 -1.26 -11.04 -6.17
N SER B 139 -2.47 -10.64 -6.55
CA SER B 139 -3.41 -11.54 -7.16
C SER B 139 -4.05 -10.89 -8.41
N PHE B 140 -4.28 -11.69 -9.45
CA PHE B 140 -4.91 -11.21 -10.67
C PHE B 140 -5.94 -12.24 -11.09
N VAL B 141 -7.19 -11.87 -11.01
CA VAL B 141 -8.28 -12.77 -11.34
C VAL B 141 -8.93 -12.33 -12.64
N LEU B 142 -8.84 -13.16 -13.67
CA LEU B 142 -9.50 -12.85 -14.95
C LEU B 142 -10.98 -13.08 -14.84
N ASN B 143 -11.75 -12.38 -15.67
CA ASN B 143 -13.20 -12.52 -15.67
C ASN B 143 -13.72 -13.71 -16.48
N SER B 144 -12.84 -14.59 -16.96
CA SER B 144 -13.26 -15.87 -17.57
C SER B 144 -12.15 -16.95 -17.47
N ALA B 145 -12.38 -18.14 -18.05
CA ALA B 145 -11.49 -19.32 -17.87
C ALA B 145 -10.26 -19.41 -18.80
N ALA B 146 -10.26 -18.62 -19.88
CA ALA B 146 -9.11 -18.52 -20.79
C ALA B 146 -8.78 -17.03 -21.04
N VAL B 147 -7.53 -16.75 -21.40
CA VAL B 147 -7.08 -15.39 -21.71
C VAL B 147 -7.75 -14.85 -22.98
N GLY B 148 -7.92 -15.73 -23.96
CA GLY B 148 -8.57 -15.40 -25.22
C GLY B 148 -10.02 -15.00 -25.05
N ASP B 149 -10.69 -15.54 -24.02
CA ASP B 149 -12.10 -15.25 -23.75
C ASP B 149 -12.34 -14.15 -22.70
N SER B 150 -11.31 -13.78 -21.95
CA SER B 150 -11.43 -12.72 -20.97
C SER B 150 -11.30 -11.38 -21.67
N ASN B 151 -11.84 -10.35 -21.07
CA ASN B 151 -11.54 -9.02 -21.53
C ASN B 151 -11.04 -8.12 -20.39
N ARG B 152 -10.82 -8.70 -19.22
CA ARG B 152 -10.41 -7.91 -18.06
C ARG B 152 -9.98 -8.78 -16.90
N GLY B 153 -9.33 -8.15 -15.93
CA GLY B 153 -8.85 -8.84 -14.76
C GLY B 153 -8.77 -7.86 -13.63
N THR B 154 -8.83 -8.37 -12.40
CA THR B 154 -8.75 -7.55 -11.22
C THR B 154 -7.42 -7.85 -10.54
N LEU B 155 -6.60 -6.82 -10.38
CA LEU B 155 -5.30 -6.92 -9.76
C LEU B 155 -5.43 -6.43 -8.33
N ARG B 156 -5.03 -7.29 -7.38
CA ARG B 156 -5.21 -6.93 -5.97
C ARG B 156 -3.96 -7.13 -5.16
N VAL B 157 -3.73 -6.21 -4.23
CA VAL B 157 -2.73 -6.40 -3.21
C VAL B 157 -3.41 -6.87 -1.92
N LEU B 158 -3.10 -8.11 -1.52
CA LEU B 158 -3.82 -8.82 -0.43
C LEU B 158 -2.94 -9.11 0.78
N GLU B 159 -3.51 -8.91 1.96
CA GLU B 159 -2.93 -9.26 3.25
C GLU B 159 -3.71 -10.44 3.79
N THR B 160 -3.03 -11.50 4.14
CA THR B 160 -3.67 -12.62 4.84
C THR B 160 -3.58 -12.42 6.37
N THR B 161 -4.71 -12.53 7.04
CA THR B 161 -4.77 -12.54 8.50
C THR B 161 -5.44 -13.85 8.89
N ASP B 162 -5.44 -14.12 10.19
CA ASP B 162 -6.12 -15.35 10.66
C ASP B 162 -7.60 -15.26 10.39
N PHE B 163 -8.17 -14.10 10.59
CA PHE B 163 -9.61 -13.86 10.40
C PHE B 163 -10.07 -13.93 8.94
N LYS B 164 -9.31 -13.27 8.06
CA LYS B 164 -9.76 -13.05 6.66
C LYS B 164 -8.69 -12.48 5.74
N THR B 165 -8.95 -12.58 4.44
CA THR B 165 -8.18 -11.81 3.46
C THR B 165 -8.55 -10.33 3.59
N VAL B 166 -7.55 -9.46 3.71
CA VAL B 166 -7.75 -8.02 3.75
C VAL B 166 -7.19 -7.36 2.49
N GLU B 167 -8.07 -6.65 1.77
CA GLU B 167 -7.70 -6.04 0.50
C GLU B 167 -7.07 -4.70 0.76
N HIS B 168 -5.86 -4.50 0.25
CA HIS B 168 -5.24 -3.22 0.39
C HIS B 168 -5.53 -2.31 -0.80
N ILE B 169 -5.53 -2.86 -2.00
CA ILE B 169 -5.99 -2.11 -3.17
C ILE B 169 -6.38 -3.08 -4.25
N SER B 170 -7.30 -2.63 -5.11
CA SER B 170 -7.85 -3.40 -6.22
C SER B 170 -8.02 -2.48 -7.45
N LEU B 171 -7.63 -2.98 -8.59
CA LEU B 171 -7.63 -2.23 -9.82
C LEU B 171 -8.08 -3.18 -10.88
N VAL B 172 -9.07 -2.79 -11.67
CA VAL B 172 -9.49 -3.60 -12.79
C VAL B 172 -8.70 -3.14 -14.00
N LEU B 173 -8.14 -4.08 -14.75
CA LEU B 173 -7.36 -3.78 -15.91
C LEU B 173 -8.02 -4.42 -17.09
N LEU B 174 -8.13 -3.67 -18.18
CA LEU B 174 -8.76 -4.16 -19.39
C LEU B 174 -7.78 -4.78 -20.34
N ARG B 175 -8.17 -5.89 -20.93
CA ARG B 175 -7.35 -6.53 -21.95
C ARG B 175 -7.25 -5.62 -23.19
N GLN B 176 -6.08 -5.55 -23.81
CA GLN B 176 -5.85 -4.66 -24.95
C GLN B 176 -5.44 -5.49 -26.12
N GLY B 177 -5.73 -4.98 -27.31
CA GLY B 177 -5.25 -5.54 -28.56
C GLY B 177 -6.03 -6.75 -29.02
N ASP B 178 -7.29 -6.86 -28.61
CA ASP B 178 -8.03 -8.12 -28.75
C ASP B 178 -8.88 -8.27 -30.02
N ALA B 179 -9.16 -9.54 -30.36
CA ALA B 179 -9.87 -9.95 -31.59
C ALA B 179 -10.00 -11.47 -31.63
N GLU C 36 -29.85 -20.90 26.42
CA GLU C 36 -28.41 -21.06 26.09
C GLU C 36 -27.85 -20.01 25.09
N PRO C 37 -28.29 -18.72 25.17
CA PRO C 37 -27.61 -17.69 24.36
C PRO C 37 -26.30 -17.24 25.00
N GLN C 38 -25.47 -16.52 24.26
CA GLN C 38 -24.18 -16.10 24.79
C GLN C 38 -23.71 -14.78 24.22
N THR C 39 -23.43 -13.85 25.12
CA THR C 39 -23.02 -12.51 24.79
C THR C 39 -21.50 -12.49 24.78
N LEU C 40 -20.91 -12.24 23.61
CA LEU C 40 -19.44 -12.19 23.46
C LEU C 40 -18.87 -10.80 23.62
N LEU C 41 -19.65 -9.79 23.31
CA LEU C 41 -19.22 -8.42 23.50
C LEU C 41 -20.40 -7.54 23.83
N GLU C 42 -20.17 -6.58 24.71
CA GLU C 42 -21.15 -5.55 25.02
C GLU C 42 -20.36 -4.42 25.61
N THR C 43 -20.29 -3.31 24.89
CA THR C 43 -19.43 -2.23 25.33
C THR C 43 -19.71 -0.99 24.50
N THR C 44 -18.99 0.06 24.82
CA THR C 44 -19.16 1.33 24.18
C THR C 44 -17.86 1.71 23.49
N VAL C 45 -17.99 2.26 22.29
CA VAL C 45 -16.82 2.65 21.52
C VAL C 45 -17.12 3.82 20.59
N MET C 46 -16.13 4.69 20.40
CA MET C 46 -16.27 5.82 19.49
C MET C 46 -16.47 5.35 18.06
N VAL C 47 -17.38 6.00 17.34
CA VAL C 47 -17.67 5.64 15.97
C VAL C 47 -17.91 6.92 15.19
N SER C 48 -17.12 7.13 14.14
CA SER C 48 -17.40 8.20 13.19
C SER C 48 -18.70 7.87 12.47
N THR C 49 -19.75 8.60 12.83
CA THR C 49 -21.09 8.38 12.29
C THR C 49 -21.39 9.42 11.25
N LYS C 50 -21.92 8.98 10.11
CA LYS C 50 -22.12 9.85 8.99
C LYS C 50 -23.49 9.62 8.41
N MET C 51 -24.19 10.71 8.14
CA MET C 51 -25.55 10.69 7.59
C MET C 51 -25.61 11.47 6.29
N PRO C 52 -25.21 10.84 5.15
CA PRO C 52 -25.13 11.51 3.86
C PRO C 52 -26.33 12.42 3.57
N PRO C 53 -26.09 13.70 3.22
CA PRO C 53 -24.79 14.35 3.00
C PRO C 53 -24.23 15.13 4.21
N HIS C 54 -24.72 14.86 5.43
CA HIS C 54 -24.22 15.55 6.63
C HIS C 54 -22.76 15.27 6.93
N GLU C 55 -22.21 16.09 7.81
CA GLU C 55 -20.86 15.90 8.33
C GLU C 55 -20.78 14.59 9.12
N PRO C 56 -19.61 13.93 9.09
CA PRO C 56 -19.42 12.84 10.03
C PRO C 56 -19.32 13.39 11.45
N GLN C 57 -19.64 12.55 12.42
CA GLN C 57 -19.59 12.96 13.81
C GLN C 57 -19.20 11.78 14.69
N VAL C 58 -18.12 11.97 15.43
CA VAL C 58 -17.56 10.94 16.29
C VAL C 58 -18.37 10.89 17.57
N ARG C 59 -19.09 9.81 17.81
CA ARG C 59 -19.82 9.69 19.07
C ARG C 59 -19.83 8.27 19.63
N PRO C 60 -19.90 8.15 20.97
CA PRO C 60 -20.01 6.84 21.60
C PRO C 60 -21.21 6.07 21.10
N LEU C 61 -21.00 4.80 20.76
CA LEU C 61 -22.09 3.90 20.48
C LEU C 61 -21.89 2.60 21.24
N GLY C 62 -22.99 1.88 21.37
CA GLY C 62 -23.01 0.63 22.04
C GLY C 62 -22.91 -0.46 21.01
N VAL C 63 -21.97 -1.37 21.26
CA VAL C 63 -21.80 -2.52 20.39
C VAL C 63 -22.08 -3.74 21.20
N TYR C 64 -22.82 -4.65 20.60
CA TYR C 64 -23.30 -5.81 21.27
C TYR C 64 -23.22 -6.94 20.28
N VAL C 65 -22.49 -8.00 20.64
CA VAL C 65 -22.42 -9.18 19.80
C VAL C 65 -22.83 -10.35 20.64
N ARG C 66 -23.67 -11.20 20.08
CA ARG C 66 -24.26 -12.28 20.83
C ARG C 66 -24.51 -13.44 19.90
N THR C 67 -24.34 -14.63 20.43
CA THR C 67 -24.63 -15.84 19.68
C THR C 67 -25.81 -16.56 20.32
N GLY C 68 -26.61 -17.22 19.48
CA GLY C 68 -27.84 -17.82 19.98
C GLY C 68 -28.66 -18.57 18.94
N ARG C 69 -29.98 -18.55 19.15
CA ARG C 69 -30.91 -19.31 18.33
C ARG C 69 -31.94 -18.39 17.72
N GLY C 70 -32.49 -18.82 16.60
CA GLY C 70 -33.41 -17.99 15.86
C GLY C 70 -33.77 -18.60 14.54
N GLY C 71 -34.07 -17.73 13.58
CA GLY C 71 -34.58 -18.18 12.30
C GLY C 71 -36.06 -18.53 12.37
N PRO C 72 -36.64 -18.95 11.23
CA PRO C 72 -38.08 -19.19 11.14
C PRO C 72 -38.58 -20.13 12.24
N ASN C 73 -37.97 -21.30 12.30
CA ASN C 73 -38.30 -22.33 13.26
C ASN C 73 -37.86 -22.01 14.70
N GLY C 74 -36.87 -21.13 14.86
CA GLY C 74 -36.24 -20.87 16.16
C GLY C 74 -35.15 -21.89 16.52
N VAL C 75 -34.74 -22.69 15.54
CA VAL C 75 -33.80 -23.80 15.73
C VAL C 75 -32.45 -23.55 15.01
N THR C 76 -32.28 -22.38 14.39
CA THR C 76 -31.08 -22.07 13.61
C THR C 76 -30.11 -21.25 14.46
N ARG C 77 -28.83 -21.60 14.45
CA ARG C 77 -27.84 -20.80 15.17
CA ARG C 77 -27.81 -20.82 15.15
C ARG C 77 -27.74 -19.45 14.50
N VAL C 78 -27.59 -18.40 15.28
CA VAL C 78 -27.50 -17.07 14.70
C VAL C 78 -26.45 -16.25 15.38
N VAL C 79 -25.87 -15.32 14.62
CA VAL C 79 -25.01 -14.32 15.20
C VAL C 79 -25.75 -13.01 15.10
N LEU C 80 -25.74 -12.26 16.20
CA LEU C 80 -26.32 -10.93 16.24
C LEU C 80 -25.24 -9.91 16.49
N VAL C 81 -25.21 -8.88 15.65
CA VAL C 81 -24.36 -7.74 15.89
C VAL C 81 -25.23 -6.51 15.98
N ARG C 82 -25.20 -5.84 17.12
CA ARG C 82 -26.10 -4.73 17.36
C ARG C 82 -25.38 -3.45 17.68
N LEU C 83 -25.87 -2.38 17.06
CA LEU C 83 -25.38 -1.05 17.30
C LEU C 83 -26.48 -0.15 17.89
N THR C 84 -26.18 0.52 19.00
CA THR C 84 -27.16 1.37 19.68
C THR C 84 -26.54 2.69 20.09
N ASP C 85 -27.39 3.70 20.28
CA ASP C 85 -26.97 5.01 20.77
C ASP C 85 -27.49 5.19 22.19
N PRO C 86 -26.59 5.38 23.17
CA PRO C 86 -27.04 5.58 24.55
C PRO C 86 -27.95 6.80 24.73
N THR C 87 -27.80 7.82 23.88
CA THR C 87 -28.66 8.99 23.93
C THR C 87 -29.98 8.69 23.21
N ASP C 88 -29.92 8.50 21.90
CA ASP C 88 -31.11 8.22 21.11
C ASP C 88 -31.48 6.73 21.17
N PRO C 89 -32.68 6.40 21.67
CA PRO C 89 -33.18 5.02 21.63
C PRO C 89 -33.94 4.63 20.35
N PHE C 90 -34.14 5.56 19.42
CA PHE C 90 -34.59 5.19 18.07
C PHE C 90 -33.43 4.60 17.25
N PHE C 91 -32.21 4.83 17.74
CA PHE C 91 -30.99 4.31 17.12
C PHE C 91 -30.79 2.83 17.44
N LEU C 92 -31.32 1.97 16.59
CA LEU C 92 -31.16 0.53 16.75
C LEU C 92 -30.90 -0.12 15.40
N PHE C 93 -29.66 -0.56 15.21
CA PHE C 93 -29.27 -1.25 13.99
C PHE C 93 -28.68 -2.60 14.35
N GLU C 94 -29.09 -3.61 13.60
CA GLU C 94 -28.75 -4.98 13.90
C GLU C 94 -28.45 -5.73 12.63
N LEU C 95 -27.47 -6.61 12.72
CA LEU C 95 -27.24 -7.61 11.70
C LEU C 95 -27.50 -8.94 12.36
N GLU C 96 -28.20 -9.82 11.64
CA GLU C 96 -28.52 -11.11 12.15
C GLU C 96 -28.09 -12.08 11.10
N LEU C 97 -27.18 -12.97 11.44
CA LEU C 97 -26.66 -13.92 10.47
C LEU C 97 -27.04 -15.35 10.84
N LEU C 98 -27.72 -16.02 9.92
CA LEU C 98 -28.13 -17.39 10.12
C LEU C 98 -27.05 -18.32 9.61
N GLU C 99 -26.72 -19.30 10.42
CA GLU C 99 -25.73 -20.29 10.05
C GLU C 99 -25.97 -20.76 8.63
N ASP C 100 -27.22 -20.92 8.23
CA ASP C 100 -27.54 -21.45 6.89
C ASP C 100 -27.05 -20.53 5.79
N ASP C 101 -26.97 -19.23 6.08
CA ASP C 101 -26.45 -18.24 5.13
C ASP C 101 -24.93 -17.96 5.17
N TYR C 102 -24.20 -18.60 6.09
CA TYR C 102 -22.81 -18.23 6.36
C TYR C 102 -21.90 -18.35 5.14
N ASN C 103 -22.05 -19.43 4.41
CA ASN C 103 -21.22 -19.68 3.27
C ASN C 103 -21.15 -18.51 2.30
N ALA C 104 -22.30 -17.95 1.96
CA ALA C 104 -22.30 -16.85 1.02
C ALA C 104 -21.62 -15.65 1.63
N PHE C 105 -21.99 -15.35 2.86
CA PHE C 105 -21.45 -14.22 3.62
C PHE C 105 -19.92 -14.34 3.74
N LYS C 106 -19.47 -15.56 3.94
CA LYS C 106 -18.08 -15.87 4.16
C LYS C 106 -17.29 -15.59 2.89
N GLN C 107 -17.84 -16.10 1.79
CA GLN C 107 -17.19 -15.99 0.51
C GLN C 107 -17.13 -14.53 0.06
N HIS C 108 -18.21 -13.79 0.28
CA HIS C 108 -18.25 -12.39 -0.06
C HIS C 108 -17.26 -11.58 0.75
N LEU C 109 -17.15 -11.83 2.05
CA LEU C 109 -16.21 -11.08 2.87
C LEU C 109 -14.78 -11.65 2.87
N GLU C 110 -14.55 -12.78 2.19
CA GLU C 110 -13.26 -13.47 2.17
C GLU C 110 -12.76 -13.84 3.57
N LEU C 111 -13.68 -14.35 4.38
CA LEU C 111 -13.38 -14.77 5.74
C LEU C 111 -12.69 -16.10 5.61
N LEU C 112 -11.73 -16.35 6.50
CA LEU C 112 -11.02 -17.61 6.51
C LEU C 112 -11.33 -18.47 7.75
N VAL C 113 -12.47 -18.25 8.38
CA VAL C 113 -12.88 -19.04 9.54
C VAL C 113 -14.33 -19.50 9.42
N ASP C 114 -14.71 -20.50 10.22
CA ASP C 114 -16.05 -21.07 10.13
C ASP C 114 -17.05 -20.25 10.91
N PHE C 115 -18.30 -20.73 10.91
CA PHE C 115 -19.41 -20.00 11.56
C PHE C 115 -19.18 -19.77 13.03
N HIS C 116 -18.75 -20.81 13.74
CA HIS C 116 -18.33 -20.70 15.15
C HIS C 116 -17.23 -19.65 15.29
N GLY C 117 -16.22 -19.73 14.43
CA GLY C 117 -15.11 -18.78 14.49
C GLY C 117 -15.52 -17.32 14.30
N PHE C 118 -16.42 -17.07 13.35
CA PHE C 118 -16.68 -15.70 12.90
C PHE C 118 -16.91 -14.68 14.02
N PRO C 119 -17.89 -14.93 14.88
CA PRO C 119 -18.15 -13.90 15.88
C PRO C 119 -17.00 -13.70 16.86
N ARG C 120 -16.28 -14.78 17.13
CA ARG C 120 -15.16 -14.72 18.07
C ARG C 120 -14.01 -13.88 17.51
N TYR C 121 -13.68 -14.07 16.24
CA TYR C 121 -12.65 -13.22 15.60
C TYR C 121 -13.12 -11.77 15.49
N LEU C 122 -14.38 -11.57 15.13
CA LEU C 122 -14.92 -10.24 15.01
C LEU C 122 -14.80 -9.49 16.32
N VAL C 123 -15.15 -10.17 17.40
CA VAL C 123 -15.18 -9.54 18.71
C VAL C 123 -13.77 -9.22 19.19
N GLY C 124 -12.79 -10.05 18.81
CA GLY C 124 -11.41 -9.67 19.07
C GLY C 124 -11.07 -8.35 18.39
N MET C 125 -11.49 -8.22 17.15
CA MET C 125 -11.18 -7.03 16.37
C MET C 125 -11.86 -5.80 17.00
N LEU C 126 -13.14 -5.92 17.32
CA LEU C 126 -13.87 -4.79 17.92
C LEU C 126 -13.36 -4.45 19.31
N ARG C 127 -13.05 -5.47 20.10
CA ARG C 127 -12.58 -5.27 21.45
C ARG C 127 -11.33 -4.43 21.46
N ASP C 128 -10.41 -4.78 20.58
CA ASP C 128 -9.14 -4.10 20.55
C ASP C 128 -9.32 -2.60 20.25
N ILE C 129 -10.27 -2.29 19.37
CA ILE C 129 -10.61 -0.90 19.08
C ILE C 129 -11.21 -0.25 20.33
N ALA C 130 -12.21 -0.90 20.91
CA ALA C 130 -12.85 -0.43 22.14
C ALA C 130 -11.86 -0.13 23.28
N ASP C 131 -10.84 -0.97 23.44
CA ASP C 131 -9.80 -0.74 24.47
C ASP C 131 -8.87 0.45 24.18
N GLY C 132 -9.04 1.12 23.05
CA GLY C 132 -8.13 2.19 22.65
C GLY C 132 -6.76 1.68 22.23
N ALA C 133 -6.65 0.37 22.01
CA ALA C 133 -5.37 -0.27 21.72
C ALA C 133 -5.05 -0.37 20.21
N SER C 134 -6.00 0.02 19.37
CA SER C 134 -5.94 -0.31 17.96
C SER C 134 -5.60 0.90 17.14
N ALA C 135 -5.00 0.66 15.98
CA ALA C 135 -4.81 1.67 14.97
C ALA C 135 -6.10 1.90 14.18
N TYR C 136 -6.96 0.89 14.16
CA TYR C 136 -8.15 0.94 13.34
C TYR C 136 -9.27 1.74 13.98
N GLU C 137 -10.20 2.21 13.15
CA GLU C 137 -11.33 3.01 13.59
C GLU C 137 -12.60 2.46 12.99
N LEU C 138 -13.71 2.84 13.60
CA LEU C 138 -15.01 2.41 13.15
C LEU C 138 -15.75 3.58 12.54
N SER C 139 -16.36 3.34 11.41
CA SER C 139 -17.28 4.31 10.85
C SER C 139 -18.62 3.62 10.64
N PHE C 140 -19.70 4.37 10.86
CA PHE C 140 -21.04 3.89 10.51
C PHE C 140 -21.69 4.92 9.59
N VAL C 141 -22.11 4.44 8.42
CA VAL C 141 -22.58 5.32 7.36
C VAL C 141 -24.00 4.95 6.98
N LEU C 142 -24.95 5.81 7.35
CA LEU C 142 -26.37 5.56 7.12
C LEU C 142 -26.71 5.78 5.66
N ASN C 143 -27.86 5.27 5.23
CA ASN C 143 -28.27 5.47 3.83
C ASN C 143 -29.15 6.71 3.59
N SER C 144 -29.17 7.65 4.54
CA SER C 144 -29.82 8.95 4.33
C SER C 144 -29.29 10.00 5.33
N ALA C 145 -29.94 11.17 5.38
CA ALA C 145 -29.50 12.31 6.19
C ALA C 145 -29.98 12.28 7.65
N ALA C 146 -30.91 11.36 7.98
CA ALA C 146 -31.47 11.26 9.32
C ALA C 146 -31.62 9.82 9.77
N VAL C 147 -31.68 9.61 11.09
CA VAL C 147 -31.87 8.29 11.69
C VAL C 147 -33.26 7.73 11.33
N GLY C 148 -34.26 8.62 11.28
CA GLY C 148 -35.63 8.26 10.95
C GLY C 148 -35.85 7.84 9.51
N ASP C 149 -35.15 8.49 8.58
CA ASP C 149 -35.25 8.17 7.14
C ASP C 149 -34.46 6.92 6.74
N SER C 150 -33.44 6.60 7.53
CA SER C 150 -32.54 5.49 7.24
C SER C 150 -33.12 4.14 7.66
N ASN C 151 -33.10 3.18 6.73
CA ASN C 151 -33.48 1.79 7.04
C ASN C 151 -32.24 0.85 7.17
N ARG C 152 -31.04 1.44 7.19
CA ARG C 152 -29.79 0.68 7.32
C ARG C 152 -28.55 1.59 7.40
N GLY C 153 -27.43 0.96 7.73
CA GLY C 153 -26.12 1.59 7.66
C GLY C 153 -25.03 0.55 7.47
N THR C 154 -23.87 1.01 7.01
CA THR C 154 -22.71 0.14 6.84
C THR C 154 -21.71 0.45 7.94
N LEU C 155 -21.43 -0.56 8.77
CA LEU C 155 -20.40 -0.50 9.82
C LEU C 155 -19.06 -1.03 9.27
N ARG C 156 -17.99 -0.25 9.47
CA ARG C 156 -16.69 -0.57 8.86
C ARG C 156 -15.54 -0.44 9.80
N VAL C 157 -14.63 -1.40 9.71
CA VAL C 157 -13.35 -1.28 10.39
C VAL C 157 -12.35 -0.76 9.36
N LEU C 158 -11.79 0.41 9.64
CA LEU C 158 -10.99 1.14 8.70
C LEU C 158 -9.61 1.46 9.26
N GLU C 159 -8.61 1.40 8.40
CA GLU C 159 -7.24 1.73 8.75
C GLU C 159 -6.77 2.86 7.85
N THR C 160 -6.17 3.87 8.46
CA THR C 160 -5.64 4.99 7.71
C THR C 160 -4.18 4.79 7.42
N THR C 161 -3.82 4.82 6.16
CA THR C 161 -2.42 4.83 5.76
C THR C 161 -2.15 6.13 5.01
N ASP C 162 -0.88 6.41 4.77
CA ASP C 162 -0.53 7.60 4.01
C ASP C 162 -1.13 7.56 2.60
N PHE C 163 -1.18 6.37 2.00
CA PHE C 163 -1.64 6.20 0.65
C PHE C 163 -3.16 6.28 0.58
N LYS C 164 -3.84 5.61 1.49
CA LYS C 164 -5.28 5.44 1.37
C LYS C 164 -5.87 4.86 2.62
N THR C 165 -7.20 4.86 2.63
CA THR C 165 -7.97 4.18 3.64
C THR C 165 -8.02 2.74 3.23
N VAL C 166 -7.81 1.85 4.19
CA VAL C 166 -7.83 0.41 3.94
C VAL C 166 -8.94 -0.16 4.78
N GLU C 167 -9.81 -0.93 4.14
CA GLU C 167 -10.98 -1.49 4.78
C GLU C 167 -10.69 -2.92 5.24
N HIS C 168 -10.85 -3.15 6.53
CA HIS C 168 -10.59 -4.45 7.10
C HIS C 168 -11.84 -5.30 7.15
N ILE C 169 -12.98 -4.68 7.44
CA ILE C 169 -14.27 -5.38 7.31
C ILE C 169 -15.44 -4.41 7.18
N SER C 170 -16.49 -4.90 6.52
CA SER C 170 -17.66 -4.10 6.26
C SER C 170 -18.89 -4.91 6.57
N LEU C 171 -19.79 -4.34 7.36
CA LEU C 171 -21.02 -5.03 7.75
C LEU C 171 -22.25 -4.13 7.55
N VAL C 172 -23.28 -4.71 6.93
CA VAL C 172 -24.57 -4.05 6.72
C VAL C 172 -25.53 -4.31 7.89
N LEU C 173 -25.80 -3.28 8.69
CA LEU C 173 -26.76 -3.38 9.80
C LEU C 173 -28.12 -2.73 9.49
N LEU C 174 -29.19 -3.52 9.51
CA LEU C 174 -30.55 -3.03 9.21
C LEU C 174 -31.14 -2.30 10.43
N ARG C 175 -31.90 -1.23 10.17
CA ARG C 175 -32.58 -0.52 11.28
C ARG C 175 -33.82 -1.29 11.73
N GLN C 176 -34.08 -1.18 13.03
CA GLN C 176 -35.18 -1.89 13.68
C GLN C 176 -36.23 -0.91 14.21
N GLY C 177 -35.78 0.06 15.01
CA GLY C 177 -36.65 1.08 15.60
C GLY C 177 -37.40 0.56 16.80
#